data_2GFW
#
_entry.id   2GFW
#
_cell.length_a   75.368
_cell.length_b   75.368
_cell.length_c   145.700
_cell.angle_alpha   90.00
_cell.angle_beta   90.00
_cell.angle_gamma   120.00
#
_symmetry.space_group_name_H-M   'P 31 2 1'
#
loop_
_entity.id
_entity.type
_entity.pdbx_description
1 polymer '3-oxoacyl-[acyl-carrier-protein] synthase 2'
2 water water
#
_entity_poly.entity_id   1
_entity_poly.type   'polypeptide(L)'
_entity_poly.pdbx_seq_one_letter_code
;MRGSHHHHHHGSACVSKRRVVVTGLGMLSPVGNTVESTWKALLAGQSGISLIDHFDTSAYATKFAGLVKDFNCEDIISRK
EQRKMDAFIQYGIVAGVQAMQDSGLEITEENATRIGAAIGSGIGGLGLIEENHTSLMNGGPRKISPFFVPSTIVNMVAGH
LTIMYGLRGPSISIATACTSGVHNIGHAARIIAYGDADVMVAGGAEKASTPLGVGGFGAARALSTRNDNPQAASRPWDKE
RDGFVLGDGAGMLVLEEYEHAKKRGAKIYAELVGFGMSSDAYHMTSPPENGAGAALAMANALRDAGIEASQIGYVNAHGT
STPAGDKAEAQAVKTIFGEAASRVLVSSTKSMTGHLLGAAGAVESIYSILALRDQAVPPTINLDNPDEGCDLDFVPHEAR
QVSGMEYTLCNSFGFGGTNGSLIFKKI
;
_entity_poly.pdbx_strand_id   A
#
# COMPACT_ATOMS: atom_id res chain seq x y z
N LYS A 17 -14.55 15.54 -19.56
CA LYS A 17 -13.21 15.30 -19.01
C LYS A 17 -13.21 15.41 -17.48
N ARG A 18 -13.74 14.37 -16.85
CA ARG A 18 -13.83 14.35 -15.40
C ARG A 18 -12.47 14.15 -14.71
N ARG A 19 -12.13 15.08 -13.81
CA ARG A 19 -10.87 15.03 -13.07
C ARG A 19 -11.10 14.42 -11.69
N VAL A 20 -10.09 13.71 -11.19
CA VAL A 20 -10.18 13.05 -9.89
C VAL A 20 -9.15 13.59 -8.90
N VAL A 21 -9.64 13.94 -7.72
CA VAL A 21 -8.84 14.50 -6.64
C VAL A 21 -9.06 13.62 -5.39
N VAL A 22 -8.21 13.83 -4.36
CA VAL A 22 -8.25 13.07 -3.09
C VAL A 22 -8.74 14.00 -2.01
N THR A 23 -9.75 13.54 -1.25
CA THR A 23 -10.40 14.33 -0.22
C THR A 23 -10.67 13.58 1.07
N GLY A 24 -10.01 12.44 1.29
CA GLY A 24 -10.22 11.65 2.50
C GLY A 24 -9.06 10.70 2.62
N LEU A 25 -8.61 10.46 3.86
CA LEU A 25 -7.47 9.59 4.12
C LEU A 25 -7.72 8.80 5.39
N GLY A 26 -7.18 7.58 5.40
CA GLY A 26 -7.34 6.67 6.54
C GLY A 26 -6.16 5.72 6.53
N MET A 27 -5.71 5.26 7.68
CA MET A 27 -4.57 4.38 7.69
C MET A 27 -4.25 3.79 9.02
N LEU A 28 -3.73 2.56 8.97
CA LEU A 28 -3.16 1.79 10.10
C LEU A 28 -1.86 1.26 9.54
N SER A 29 -0.77 1.50 10.25
CA SER A 29 0.52 1.08 9.76
C SER A 29 1.34 0.71 10.96
N PRO A 30 2.48 0.09 10.71
CA PRO A 30 3.37 -0.32 11.78
C PRO A 30 3.96 0.88 12.57
N VAL A 31 3.84 2.10 12.04
CA VAL A 31 4.37 3.25 12.73
C VAL A 31 3.28 4.24 13.14
N GLY A 32 2.03 3.76 13.22
CA GLY A 32 0.94 4.62 13.64
C GLY A 32 -0.46 4.12 13.26
N ASN A 33 -1.43 4.43 14.11
CA ASN A 33 -2.83 4.08 13.86
C ASN A 33 -3.70 5.20 13.30
N THR A 34 -3.06 6.25 12.75
CA THR A 34 -3.78 7.33 12.09
C THR A 34 -2.86 7.74 10.97
N VAL A 35 -3.37 8.60 10.10
CA VAL A 35 -2.60 9.13 8.99
C VAL A 35 -1.48 10.03 9.47
N GLU A 36 -1.81 11.06 10.25
CA GLU A 36 -0.81 12.01 10.73
C GLU A 36 0.26 11.38 11.64
N SER A 37 -0.15 10.50 12.54
CA SER A 37 0.82 9.87 13.40
C SER A 37 1.82 9.09 12.54
N THR A 38 1.27 8.24 11.66
CA THR A 38 2.09 7.44 10.77
C THR A 38 3.04 8.32 10.00
N TRP A 39 2.49 9.36 9.38
CA TRP A 39 3.26 10.32 8.59
C TRP A 39 4.40 11.01 9.39
N LYS A 40 4.09 11.42 10.64
CA LYS A 40 5.09 12.07 11.50
C LYS A 40 6.24 11.09 11.81
N ALA A 41 5.88 9.87 12.21
CA ALA A 41 6.87 8.84 12.48
C ALA A 41 7.79 8.57 11.32
N LEU A 42 7.27 8.60 10.09
CA LEU A 42 8.09 8.34 8.90
C LEU A 42 9.04 9.48 8.60
N LEU A 43 8.58 10.73 8.72
CA LEU A 43 9.50 11.86 8.44
C LEU A 43 10.63 11.87 9.51
N ALA A 44 10.32 11.31 10.69
CA ALA A 44 11.28 11.15 11.78
C ALA A 44 12.12 9.88 11.63
N GLY A 45 11.93 9.15 10.53
CA GLY A 45 12.71 7.93 10.34
C GLY A 45 12.50 6.81 11.36
N GLN A 46 11.39 6.79 12.10
CA GLN A 46 11.15 5.70 13.05
C GLN A 46 10.83 4.37 12.31
N SER A 47 11.31 3.25 12.85
CA SER A 47 11.09 1.92 12.30
C SER A 47 9.88 1.34 13.02
N GLY A 48 9.03 0.59 12.32
CA GLY A 48 7.84 -0.02 12.90
C GLY A 48 8.05 -1.49 13.13
N ILE A 49 9.23 -1.97 12.72
CA ILE A 49 9.61 -3.37 12.82
C ILE A 49 9.98 -3.83 14.23
N SER A 50 9.34 -4.90 14.68
CA SER A 50 9.64 -5.48 15.98
C SER A 50 9.50 -7.01 15.93
N LEU A 51 9.90 -7.71 17.00
CA LEU A 51 9.79 -9.15 17.03
C LEU A 51 8.34 -9.54 17.20
N ILE A 52 7.92 -10.58 16.48
CA ILE A 52 6.57 -11.11 16.50
C ILE A 52 6.38 -11.80 17.83
N ASP A 53 5.20 -11.68 18.41
CA ASP A 53 4.95 -12.35 19.67
C ASP A 53 3.59 -13.03 19.82
N HIS A 54 2.76 -12.97 18.76
CA HIS A 54 1.42 -13.59 18.79
C HIS A 54 1.40 -15.07 18.41
N PHE A 55 2.54 -15.58 17.96
CA PHE A 55 2.71 -17.02 17.68
C PHE A 55 4.17 -17.40 17.99
N ASP A 56 4.40 -18.68 18.30
CA ASP A 56 5.74 -19.17 18.61
C ASP A 56 6.63 -19.19 17.37
N THR A 57 7.62 -18.30 17.33
CA THR A 57 8.55 -18.19 16.18
C THR A 57 9.88 -18.95 16.29
N SER A 58 9.95 -19.93 17.19
CA SER A 58 11.18 -20.72 17.40
C SER A 58 11.72 -21.41 16.17
N ALA A 59 10.83 -22.04 15.40
CA ALA A 59 11.21 -22.77 14.21
C ALA A 59 11.34 -21.88 12.98
N TYR A 60 10.86 -20.65 13.13
CA TYR A 60 10.84 -19.69 12.05
C TYR A 60 12.13 -19.01 11.80
N ALA A 61 12.51 -18.94 10.53
CA ALA A 61 13.75 -18.30 10.17
C ALA A 61 13.64 -16.80 10.34
N THR A 62 12.43 -16.28 10.16
CA THR A 62 12.18 -14.87 10.36
C THR A 62 11.31 -14.79 11.61
N LYS A 63 11.74 -13.99 12.58
CA LYS A 63 11.00 -13.88 13.83
C LYS A 63 10.45 -12.48 14.11
N PHE A 64 10.64 -11.57 13.15
CA PHE A 64 10.13 -10.20 13.28
C PHE A 64 9.22 -9.77 12.13
N ALA A 65 8.45 -8.70 12.34
CA ALA A 65 7.57 -8.11 11.32
C ALA A 65 7.14 -6.72 11.72
N GLY A 66 6.44 -6.05 10.79
CA GLY A 66 5.90 -4.72 11.00
C GLY A 66 4.43 -4.91 11.41
N LEU A 67 4.20 -4.90 12.71
CA LEU A 67 2.87 -5.07 13.26
C LEU A 67 2.15 -3.76 13.57
N VAL A 68 0.83 -3.87 13.67
CA VAL A 68 0.02 -2.72 14.02
C VAL A 68 -0.09 -2.79 15.57
N LYS A 69 0.39 -1.78 16.30
CA LYS A 69 0.33 -1.81 17.77
C LYS A 69 -0.94 -1.26 18.36
N ASP A 70 -1.49 -1.98 19.34
CA ASP A 70 -2.69 -1.56 20.05
C ASP A 70 -3.89 -1.23 19.17
N PHE A 71 -4.13 -2.09 18.20
CA PHE A 71 -5.25 -1.88 17.32
C PHE A 71 -6.54 -1.94 18.11
N ASN A 72 -7.38 -0.93 17.91
CA ASN A 72 -8.68 -0.90 18.57
C ASN A 72 -9.79 -0.56 17.61
N CYS A 73 -10.86 -1.34 17.63
CA CYS A 73 -11.99 -1.05 16.78
C CYS A 73 -13.25 -1.18 17.62
N GLU A 74 -13.06 -1.21 18.94
CA GLU A 74 -14.14 -1.32 19.90
C GLU A 74 -15.33 -0.41 19.59
N ASP A 75 -15.06 0.87 19.41
CA ASP A 75 -16.11 1.82 19.14
C ASP A 75 -16.60 1.79 17.70
N ILE A 76 -15.83 1.14 16.84
CA ILE A 76 -16.14 1.04 15.40
C ILE A 76 -16.85 -0.24 14.93
N ILE A 77 -16.42 -1.37 15.47
CA ILE A 77 -16.98 -2.67 15.10
C ILE A 77 -17.44 -3.41 16.35
N SER A 78 -18.72 -3.78 16.35
CA SER A 78 -19.30 -4.51 17.48
C SER A 78 -18.62 -5.87 17.61
N ARG A 79 -18.05 -6.18 18.78
CA ARG A 79 -17.38 -7.47 18.97
C ARG A 79 -18.23 -8.68 18.44
N LYS A 80 -19.50 -8.42 18.18
CA LYS A 80 -20.46 -9.38 17.62
C LYS A 80 -20.20 -9.56 16.12
N GLU A 81 -19.63 -8.52 15.51
CA GLU A 81 -19.29 -8.53 14.09
C GLU A 81 -17.84 -8.91 13.92
N GLN A 82 -16.99 -8.50 14.86
CA GLN A 82 -15.57 -8.85 14.82
C GLN A 82 -15.35 -10.34 14.61
N ARG A 83 -16.22 -11.16 15.21
CA ARG A 83 -16.10 -12.61 15.12
C ARG A 83 -16.28 -13.08 13.69
N LYS A 84 -16.94 -12.26 12.88
CA LYS A 84 -17.19 -12.62 11.50
C LYS A 84 -16.12 -12.10 10.52
N MET A 85 -15.01 -11.58 11.03
CA MET A 85 -14.01 -10.98 10.15
C MET A 85 -12.55 -11.12 10.55
N ASP A 86 -11.74 -11.57 9.62
CA ASP A 86 -10.32 -11.68 9.83
C ASP A 86 -9.76 -10.31 10.17
N ALA A 87 -8.60 -10.32 10.82
CA ALA A 87 -7.87 -9.10 11.13
C ALA A 87 -7.67 -8.15 9.92
N PHE A 88 -7.50 -8.67 8.70
CA PHE A 88 -7.24 -7.75 7.57
C PHE A 88 -8.50 -6.96 7.24
N ILE A 89 -9.62 -7.62 7.48
CA ILE A 89 -10.91 -7.00 7.21
C ILE A 89 -11.19 -5.93 8.27
N GLN A 90 -10.82 -6.22 9.52
CA GLN A 90 -10.99 -5.27 10.61
C GLN A 90 -10.10 -4.03 10.37
N TYR A 91 -8.83 -4.24 9.98
CA TYR A 91 -7.93 -3.13 9.67
C TYR A 91 -8.52 -2.26 8.54
N GLY A 92 -9.05 -2.93 7.52
CA GLY A 92 -9.60 -2.24 6.37
C GLY A 92 -10.84 -1.42 6.70
N ILE A 93 -11.74 -1.96 7.52
CA ILE A 93 -12.95 -1.24 7.88
C ILE A 93 -12.59 0.03 8.63
N VAL A 94 -11.74 -0.13 9.65
CA VAL A 94 -11.28 1.00 10.43
C VAL A 94 -10.65 2.07 9.57
N ALA A 95 -9.66 1.72 8.77
CA ALA A 95 -9.03 2.74 7.92
C ALA A 95 -10.05 3.34 6.95
N GLY A 96 -11.11 2.58 6.65
CA GLY A 96 -12.16 3.00 5.72
C GLY A 96 -13.01 4.05 6.39
N VAL A 97 -13.36 3.78 7.65
CA VAL A 97 -14.10 4.70 8.45
C VAL A 97 -13.32 6.00 8.60
N GLN A 98 -12.03 5.93 8.91
CA GLN A 98 -11.25 7.15 9.07
C GLN A 98 -11.32 7.99 7.82
N ALA A 99 -11.22 7.30 6.70
CA ALA A 99 -11.20 7.97 5.42
C ALA A 99 -12.50 8.67 5.11
N MET A 100 -13.60 8.03 5.45
CA MET A 100 -14.95 8.54 5.22
C MET A 100 -15.23 9.74 6.11
N GLN A 101 -14.84 9.61 7.38
CA GLN A 101 -14.99 10.68 8.37
C GLN A 101 -14.16 11.89 7.93
N ASP A 102 -12.87 11.67 7.72
CA ASP A 102 -11.98 12.73 7.27
C ASP A 102 -12.49 13.41 6.01
N SER A 103 -13.33 12.71 5.24
CA SER A 103 -13.78 13.31 3.98
C SER A 103 -14.91 14.32 4.15
N GLY A 104 -15.71 14.12 5.20
CA GLY A 104 -16.84 14.98 5.48
C GLY A 104 -18.07 14.61 4.62
N LEU A 105 -17.88 13.69 3.68
CA LEU A 105 -18.95 13.26 2.81
C LEU A 105 -20.20 12.75 3.50
N GLU A 106 -21.36 13.26 3.10
CA GLU A 106 -22.62 12.81 3.66
C GLU A 106 -23.36 12.00 2.60
N ILE A 107 -23.71 10.76 2.93
CA ILE A 107 -24.39 9.89 2.00
C ILE A 107 -25.91 10.06 2.09
N THR A 108 -26.49 10.54 0.99
CA THR A 108 -27.94 10.77 0.89
C THR A 108 -28.59 9.68 0.02
N GLU A 109 -29.92 9.66 -0.01
CA GLU A 109 -30.62 8.69 -0.83
C GLU A 109 -30.29 8.92 -2.31
N GLU A 110 -30.12 10.19 -2.69
CA GLU A 110 -29.80 10.52 -4.06
C GLU A 110 -28.30 10.49 -4.28
N ASN A 111 -27.58 10.22 -3.19
CA ASN A 111 -26.13 10.14 -3.21
C ASN A 111 -25.62 8.72 -3.44
N ALA A 112 -26.06 7.83 -2.54
CA ALA A 112 -25.66 6.42 -2.50
C ALA A 112 -25.19 5.89 -3.86
N THR A 113 -26.17 5.66 -4.73
CA THR A 113 -25.95 5.18 -6.06
C THR A 113 -24.68 5.62 -6.78
N ARG A 114 -24.12 6.78 -6.44
CA ARG A 114 -22.91 7.32 -7.13
C ARG A 114 -21.58 7.22 -6.38
N ILE A 115 -21.63 6.55 -5.23
CA ILE A 115 -20.50 6.40 -4.32
C ILE A 115 -20.18 4.92 -4.17
N GLY A 116 -18.94 4.55 -4.48
CA GLY A 116 -18.51 3.16 -4.37
C GLY A 116 -17.19 2.85 -3.68
N ALA A 117 -16.69 1.63 -3.94
CA ALA A 117 -15.45 1.09 -3.37
C ALA A 117 -14.60 0.18 -4.27
N ALA A 118 -13.28 0.39 -4.19
CA ALA A 118 -12.30 -0.39 -4.92
C ALA A 118 -11.21 -0.71 -3.86
N ILE A 119 -11.43 -1.79 -3.10
CA ILE A 119 -10.52 -2.20 -2.02
C ILE A 119 -10.11 -3.68 -2.11
N GLY A 120 -8.81 -3.94 -2.09
CA GLY A 120 -8.33 -5.29 -2.14
C GLY A 120 -7.33 -5.62 -1.06
N SER A 121 -6.74 -6.79 -1.25
CA SER A 121 -5.77 -7.38 -0.36
C SER A 121 -5.05 -8.38 -1.25
N GLY A 122 -3.78 -8.66 -0.95
CA GLY A 122 -2.96 -9.57 -1.72
C GLY A 122 -3.26 -10.99 -1.29
N ILE A 123 -3.32 -11.21 0.01
CA ILE A 123 -3.55 -12.55 0.51
C ILE A 123 -4.82 -12.76 1.29
N GLY A 124 -5.40 -11.71 1.84
CA GLY A 124 -6.64 -11.88 2.59
C GLY A 124 -6.49 -12.57 3.96
N GLY A 125 -7.58 -13.17 4.41
CA GLY A 125 -7.69 -13.80 5.73
C GLY A 125 -6.89 -15.02 6.17
N LEU A 126 -5.57 -14.97 6.03
CA LEU A 126 -4.68 -16.09 6.44
C LEU A 126 -4.97 -16.60 7.84
N GLY A 127 -5.16 -15.69 8.78
CA GLY A 127 -5.42 -16.04 10.19
C GLY A 127 -6.65 -16.90 10.42
N LEU A 128 -7.78 -16.49 9.87
CA LEU A 128 -9.02 -17.22 10.03
C LEU A 128 -9.03 -18.44 9.10
N ILE A 129 -8.14 -18.47 8.11
CA ILE A 129 -8.05 -19.64 7.22
C ILE A 129 -7.35 -20.70 8.01
N GLU A 130 -6.27 -20.33 8.69
CA GLU A 130 -5.51 -21.28 9.53
C GLU A 130 -6.37 -21.77 10.67
N GLU A 131 -7.10 -20.87 11.30
CA GLU A 131 -7.96 -21.25 12.41
C GLU A 131 -9.00 -22.28 11.96
N ASN A 132 -9.78 -21.91 10.95
CA ASN A 132 -10.79 -22.82 10.44
C ASN A 132 -10.20 -24.13 9.96
N HIS A 133 -9.02 -24.06 9.35
CA HIS A 133 -8.41 -25.28 8.88
C HIS A 133 -7.93 -26.17 10.02
N THR A 134 -7.40 -25.53 11.06
CA THR A 134 -6.97 -26.26 12.25
C THR A 134 -8.18 -26.97 12.84
N SER A 135 -9.33 -26.28 12.90
CA SER A 135 -10.57 -26.84 13.48
C SER A 135 -11.09 -28.02 12.67
N LEU A 136 -10.92 -27.96 11.35
CA LEU A 136 -11.40 -29.04 10.53
C LEU A 136 -10.50 -30.25 10.71
N MET A 137 -9.21 -30.02 10.84
CA MET A 137 -8.27 -31.14 11.01
C MET A 137 -8.51 -31.86 12.34
N ASN A 138 -8.75 -31.09 13.39
CA ASN A 138 -8.95 -31.67 14.70
C ASN A 138 -10.35 -32.22 14.92
N GLY A 139 -11.37 -31.56 14.36
CA GLY A 139 -12.73 -32.01 14.59
C GLY A 139 -13.70 -32.18 13.42
N GLY A 140 -13.20 -32.12 12.18
CA GLY A 140 -14.05 -32.31 11.00
C GLY A 140 -14.86 -31.06 10.58
N PRO A 141 -15.55 -31.18 9.45
CA PRO A 141 -16.33 -30.08 8.87
C PRO A 141 -17.20 -29.27 9.79
N ARG A 142 -17.50 -29.81 10.98
CA ARG A 142 -18.38 -29.11 11.92
C ARG A 142 -17.68 -27.95 12.63
N LYS A 143 -16.42 -28.17 13.01
CA LYS A 143 -15.64 -27.13 13.67
C LYS A 143 -15.49 -25.91 12.77
N ILE A 144 -15.74 -26.07 11.47
CA ILE A 144 -15.63 -24.95 10.57
C ILE A 144 -16.70 -23.94 10.90
N SER A 145 -16.27 -22.69 11.00
CA SER A 145 -17.14 -21.60 11.30
C SER A 145 -18.07 -21.28 10.15
N PRO A 146 -19.32 -20.96 10.45
CA PRO A 146 -20.28 -20.57 9.39
C PRO A 146 -19.87 -19.24 8.76
N PHE A 147 -18.89 -18.57 9.36
CA PHE A 147 -18.41 -17.28 8.82
C PHE A 147 -17.10 -17.41 8.01
N PHE A 148 -16.62 -18.64 7.84
CA PHE A 148 -15.38 -18.91 7.13
C PHE A 148 -15.16 -18.13 5.85
N VAL A 149 -16.05 -18.27 4.88
CA VAL A 149 -15.89 -17.58 3.61
C VAL A 149 -15.87 -16.06 3.72
N PRO A 150 -16.98 -15.49 4.19
CA PRO A 150 -17.09 -14.02 4.32
C PRO A 150 -16.09 -13.37 5.29
N SER A 151 -15.43 -14.17 6.12
CA SER A 151 -14.46 -13.65 7.08
C SER A 151 -13.05 -13.65 6.51
N THR A 152 -12.87 -14.38 5.43
CA THR A 152 -11.55 -14.52 4.82
C THR A 152 -11.36 -13.92 3.46
N ILE A 153 -12.39 -13.95 2.62
CA ILE A 153 -12.24 -13.48 1.26
C ILE A 153 -11.96 -12.02 1.07
N VAL A 154 -11.08 -11.80 0.12
CA VAL A 154 -10.50 -10.54 -0.27
C VAL A 154 -11.41 -9.34 -0.49
N ASN A 155 -12.64 -9.59 -0.88
CA ASN A 155 -13.57 -8.50 -1.21
C ASN A 155 -14.49 -8.06 -0.05
N MET A 156 -14.33 -8.72 1.08
CA MET A 156 -15.16 -8.43 2.22
C MET A 156 -14.94 -7.09 2.93
N VAL A 157 -13.91 -6.34 2.58
CA VAL A 157 -13.70 -5.04 3.22
C VAL A 157 -14.62 -4.08 2.44
N ALA A 158 -14.55 -4.17 1.12
CA ALA A 158 -15.42 -3.35 0.30
C ALA A 158 -16.86 -3.81 0.67
N GLY A 159 -17.04 -5.10 0.89
CA GLY A 159 -18.34 -5.65 1.26
C GLY A 159 -18.92 -4.95 2.50
N HIS A 160 -18.21 -5.03 3.62
CA HIS A 160 -18.66 -4.41 4.87
C HIS A 160 -18.81 -2.89 4.85
N LEU A 161 -17.91 -2.21 4.15
CA LEU A 161 -17.93 -0.75 4.06
C LEU A 161 -19.13 -0.22 3.34
N THR A 162 -19.44 -0.81 2.16
CA THR A 162 -20.59 -0.40 1.38
C THR A 162 -21.86 -0.53 2.23
N ILE A 163 -21.97 -1.62 2.96
CA ILE A 163 -23.13 -1.83 3.81
C ILE A 163 -23.14 -0.79 4.94
N MET A 164 -22.01 -0.62 5.61
CA MET A 164 -21.88 0.33 6.70
C MET A 164 -22.30 1.75 6.38
N TYR A 165 -21.93 2.22 5.19
CA TYR A 165 -22.26 3.58 4.76
C TYR A 165 -23.35 3.64 3.70
N GLY A 166 -24.05 2.53 3.48
CA GLY A 166 -25.10 2.43 2.46
C GLY A 166 -24.59 2.88 1.09
N LEU A 167 -23.40 2.43 0.69
CA LEU A 167 -22.82 2.79 -0.64
C LEU A 167 -23.41 1.84 -1.70
N ARG A 168 -23.83 2.37 -2.85
CA ARG A 168 -24.48 1.52 -3.84
C ARG A 168 -23.87 1.60 -5.23
N GLY A 169 -22.85 2.40 -5.36
CA GLY A 169 -22.18 2.55 -6.64
C GLY A 169 -21.29 1.32 -6.92
N PRO A 170 -20.52 1.38 -8.01
CA PRO A 170 -19.64 0.31 -8.40
C PRO A 170 -18.77 -0.11 -7.21
N SER A 171 -18.57 -1.41 -7.07
CA SER A 171 -17.80 -1.97 -5.99
C SER A 171 -16.92 -3.10 -6.49
N ILE A 172 -15.60 -2.91 -6.44
CA ILE A 172 -14.64 -3.93 -6.87
C ILE A 172 -13.50 -4.19 -5.87
N SER A 173 -12.76 -5.26 -6.14
CA SER A 173 -11.62 -5.59 -5.31
C SER A 173 -10.53 -6.16 -6.16
N ILE A 174 -9.44 -5.41 -6.27
CA ILE A 174 -8.29 -5.90 -7.02
C ILE A 174 -7.33 -6.67 -6.11
N ALA A 175 -6.94 -7.85 -6.57
CA ALA A 175 -6.03 -8.70 -5.81
C ALA A 175 -4.83 -9.01 -6.70
N THR A 176 -3.86 -8.09 -6.71
CA THR A 176 -2.65 -8.28 -7.52
C THR A 176 -1.38 -8.25 -6.67
N ALA A 177 -1.44 -8.97 -5.57
CA ALA A 177 -0.34 -9.05 -4.64
C ALA A 177 0.09 -7.64 -4.27
N CYS A 178 1.42 -7.44 -4.31
CA CYS A 178 2.13 -6.21 -3.99
C CYS A 178 1.59 -4.98 -4.66
N THR A 179 0.95 -5.20 -5.79
CA THR A 179 0.43 -4.08 -6.58
C THR A 179 -1.02 -3.75 -6.36
N SER A 180 -1.63 -4.39 -5.37
CA SER A 180 -3.06 -4.20 -5.16
C SER A 180 -3.50 -2.80 -4.85
N GLY A 181 -2.80 -2.14 -3.91
CA GLY A 181 -3.17 -0.80 -3.46
C GLY A 181 -3.18 0.13 -4.64
N VAL A 182 -2.10 0.10 -5.42
CA VAL A 182 -2.01 0.96 -6.58
C VAL A 182 -3.09 0.63 -7.61
N HIS A 183 -3.37 -0.66 -7.85
CA HIS A 183 -4.34 -1.03 -8.87
C HIS A 183 -5.73 -0.57 -8.49
N ASN A 184 -6.10 -0.82 -7.24
CA ASN A 184 -7.42 -0.48 -6.71
C ASN A 184 -7.67 1.03 -6.76
N ILE A 185 -6.68 1.77 -6.33
CA ILE A 185 -6.79 3.21 -6.36
C ILE A 185 -6.92 3.70 -7.82
N GLY A 186 -6.03 3.23 -8.70
CA GLY A 186 -6.06 3.64 -10.11
C GLY A 186 -7.38 3.24 -10.84
N HIS A 187 -7.96 2.08 -10.53
CA HIS A 187 -9.22 1.73 -11.17
C HIS A 187 -10.41 2.41 -10.55
N ALA A 188 -10.29 2.78 -9.27
CA ALA A 188 -11.34 3.54 -8.58
C ALA A 188 -11.41 4.86 -9.32
N ALA A 189 -10.25 5.39 -9.66
CA ALA A 189 -10.13 6.64 -10.39
C ALA A 189 -10.64 6.49 -11.83
N ARG A 190 -10.22 5.46 -12.56
CA ARG A 190 -10.74 5.22 -13.92
C ARG A 190 -12.25 5.14 -13.85
N ILE A 191 -12.77 4.45 -12.83
CA ILE A 191 -14.22 4.33 -12.67
C ILE A 191 -14.87 5.69 -12.62
N ILE A 192 -14.36 6.56 -11.74
CA ILE A 192 -14.93 7.91 -11.59
C ILE A 192 -14.89 8.72 -12.87
N ALA A 193 -13.70 8.85 -13.44
CA ALA A 193 -13.52 9.60 -14.67
C ALA A 193 -14.48 9.11 -15.75
N TYR A 194 -14.57 7.77 -15.88
CA TYR A 194 -15.43 7.15 -16.90
C TYR A 194 -16.87 7.62 -16.78
N GLY A 195 -17.34 7.83 -15.57
CA GLY A 195 -18.70 8.33 -15.35
C GLY A 195 -19.46 7.40 -14.44
N ASP A 196 -18.83 6.26 -14.14
CA ASP A 196 -19.51 5.27 -13.33
C ASP A 196 -19.75 5.64 -11.89
N ALA A 197 -18.96 6.59 -11.40
CA ALA A 197 -19.10 7.02 -10.01
C ALA A 197 -18.67 8.47 -9.84
N ASP A 198 -19.00 9.02 -8.66
CA ASP A 198 -18.57 10.38 -8.28
C ASP A 198 -17.56 10.24 -7.12
N VAL A 199 -17.85 9.35 -6.17
CA VAL A 199 -16.97 9.08 -5.02
C VAL A 199 -16.58 7.59 -5.00
N MET A 200 -15.32 7.29 -4.64
CA MET A 200 -14.83 5.92 -4.47
C MET A 200 -13.83 5.86 -3.29
N VAL A 201 -14.05 4.95 -2.34
CA VAL A 201 -13.09 4.69 -1.25
C VAL A 201 -12.22 3.57 -1.86
N ALA A 202 -10.93 3.83 -2.05
CA ALA A 202 -10.04 2.83 -2.64
C ALA A 202 -8.80 2.60 -1.78
N GLY A 203 -8.28 1.38 -1.82
CA GLY A 203 -7.07 1.05 -1.04
C GLY A 203 -6.85 -0.44 -0.90
N GLY A 204 -6.22 -0.85 0.19
CA GLY A 204 -5.95 -2.26 0.42
C GLY A 204 -5.69 -2.50 1.87
N ALA A 205 -5.90 -3.73 2.32
CA ALA A 205 -5.68 -4.06 3.72
C ALA A 205 -4.93 -5.37 3.71
N GLU A 206 -4.09 -5.59 4.71
CA GLU A 206 -3.32 -6.79 4.78
C GLU A 206 -2.91 -7.15 6.17
N LYS A 207 -2.91 -8.44 6.48
CA LYS A 207 -2.45 -8.96 7.78
C LYS A 207 -1.95 -10.39 7.58
N ALA A 208 -0.77 -10.47 6.97
CA ALA A 208 -0.15 -11.73 6.61
C ALA A 208 0.95 -12.14 7.59
N SER A 209 1.01 -11.46 8.73
CA SER A 209 2.01 -11.81 9.72
C SER A 209 1.51 -13.01 10.56
N THR A 210 1.27 -14.12 9.87
CA THR A 210 0.82 -15.34 10.52
C THR A 210 1.84 -16.44 10.26
N PRO A 211 1.61 -17.59 10.88
CA PRO A 211 2.51 -18.72 10.67
C PRO A 211 2.60 -19.03 9.16
N LEU A 212 1.45 -19.12 8.49
CA LEU A 212 1.41 -19.41 7.06
C LEU A 212 2.08 -18.34 6.17
N GLY A 213 1.92 -17.07 6.58
CA GLY A 213 2.49 -15.94 5.87
C GLY A 213 3.97 -15.84 6.15
N VAL A 214 4.36 -15.98 7.40
CA VAL A 214 5.78 -15.91 7.74
C VAL A 214 6.55 -17.16 7.25
N GLY A 215 6.00 -18.35 7.49
CA GLY A 215 6.66 -19.55 7.01
C GLY A 215 6.65 -19.70 5.48
N GLY A 216 5.56 -19.24 4.85
CA GLY A 216 5.38 -19.34 3.40
C GLY A 216 6.31 -18.46 2.61
N PHE A 217 6.44 -17.20 3.00
CA PHE A 217 7.36 -16.30 2.28
C PHE A 217 8.79 -16.72 2.67
N GLY A 218 8.91 -17.32 3.85
CA GLY A 218 10.19 -17.84 4.33
C GLY A 218 10.63 -19.09 3.52
N ALA A 219 9.65 -19.91 3.11
CA ALA A 219 9.89 -21.11 2.32
C ALA A 219 10.40 -20.71 0.94
N ALA A 220 10.01 -19.52 0.53
CA ALA A 220 10.44 -19.01 -0.76
C ALA A 220 11.80 -18.31 -0.58
N ARG A 221 12.23 -18.16 0.67
CA ARG A 221 13.48 -17.45 0.88
C ARG A 221 13.39 -15.96 0.46
N ALA A 222 12.20 -15.38 0.45
CA ALA A 222 12.03 -13.98 0.03
C ALA A 222 12.21 -12.94 1.14
N LEU A 223 12.22 -13.43 2.37
CA LEU A 223 12.30 -12.65 3.59
C LEU A 223 13.70 -12.47 4.22
N SER A 224 13.87 -11.35 4.95
CA SER A 224 15.09 -11.07 5.68
C SER A 224 15.10 -11.94 6.94
N THR A 225 16.30 -12.38 7.36
CA THR A 225 16.49 -13.24 8.54
C THR A 225 17.33 -12.55 9.63
N ARG A 226 17.45 -11.23 9.50
CA ARG A 226 18.21 -10.43 10.45
C ARG A 226 17.53 -10.25 11.79
N ASN A 227 17.33 -11.33 12.53
CA ASN A 227 16.67 -11.28 13.82
C ASN A 227 17.40 -10.55 14.95
N ASP A 228 18.71 -10.41 14.84
CA ASP A 228 19.51 -9.73 15.88
C ASP A 228 19.16 -8.25 15.90
N ASN A 229 18.93 -7.70 14.70
CA ASN A 229 18.54 -6.30 14.48
C ASN A 229 17.33 -6.15 13.52
N PRO A 230 16.14 -6.43 14.00
CA PRO A 230 14.90 -6.28 13.20
C PRO A 230 14.66 -4.93 12.53
N GLN A 231 15.06 -3.85 13.20
CA GLN A 231 14.85 -2.48 12.68
C GLN A 231 15.85 -2.18 11.59
N ALA A 232 16.88 -3.02 11.50
CA ALA A 232 17.92 -2.81 10.51
C ALA A 232 17.79 -3.78 9.34
N ALA A 233 16.90 -4.76 9.51
CA ALA A 233 16.56 -5.79 8.49
C ALA A 233 16.09 -5.19 7.15
N SER A 234 15.09 -4.32 7.20
CA SER A 234 14.64 -3.74 5.95
C SER A 234 15.60 -2.66 5.54
N ARG A 235 16.46 -2.96 4.58
CA ARG A 235 17.46 -1.99 4.14
C ARG A 235 17.58 -1.93 2.63
N PRO A 236 16.56 -1.36 1.98
CA PRO A 236 16.57 -1.28 0.53
C PRO A 236 17.82 -0.63 -0.05
N TRP A 237 18.28 -1.19 -1.17
CA TRP A 237 19.41 -0.71 -1.93
C TRP A 237 20.77 -0.80 -1.25
N ASP A 238 20.77 -1.31 -0.02
CA ASP A 238 21.98 -1.50 0.73
C ASP A 238 22.69 -2.80 0.31
N LYS A 239 23.98 -2.87 0.56
CA LYS A 239 24.79 -4.04 0.20
C LYS A 239 24.46 -5.29 0.99
N GLU A 240 24.12 -5.13 2.27
CA GLU A 240 23.79 -6.28 3.10
C GLU A 240 22.29 -6.71 3.14
N ARG A 241 21.48 -6.21 2.20
CA ARG A 241 20.04 -6.56 2.07
C ARG A 241 19.91 -8.07 1.98
N ASP A 242 18.92 -8.67 2.63
CA ASP A 242 18.74 -10.13 2.50
C ASP A 242 17.26 -10.56 2.40
N GLY A 243 16.43 -9.76 1.73
CA GLY A 243 14.98 -10.04 1.60
C GLY A 243 14.09 -8.91 2.17
N PHE A 244 12.78 -9.00 1.96
CA PHE A 244 11.90 -7.96 2.46
C PHE A 244 11.43 -8.29 3.86
N VAL A 245 10.78 -7.31 4.50
CA VAL A 245 10.27 -7.52 5.84
C VAL A 245 8.74 -7.40 5.68
N LEU A 246 7.99 -8.24 6.37
CA LEU A 246 6.53 -8.22 6.28
C LEU A 246 5.89 -7.10 7.13
N GLY A 247 4.90 -6.39 6.58
CA GLY A 247 4.22 -5.33 7.32
C GLY A 247 2.70 -5.50 7.26
N ASP A 248 2.01 -5.20 8.37
CA ASP A 248 0.55 -5.33 8.42
C ASP A 248 -0.06 -3.94 8.40
N GLY A 249 -1.30 -3.80 7.92
CA GLY A 249 -1.90 -2.47 7.91
C GLY A 249 -2.92 -2.28 6.79
N ALA A 250 -3.26 -1.02 6.55
CA ALA A 250 -4.28 -0.68 5.56
C ALA A 250 -4.25 0.82 5.26
N GLY A 251 -4.49 1.16 4.01
CA GLY A 251 -4.46 2.55 3.56
C GLY A 251 -5.71 2.74 2.73
N MET A 252 -6.42 3.82 2.97
CA MET A 252 -7.66 4.10 2.27
C MET A 252 -7.70 5.57 1.86
N LEU A 253 -8.10 5.82 0.62
CA LEU A 253 -8.27 7.18 0.12
C LEU A 253 -9.71 7.32 -0.34
N VAL A 254 -10.24 8.54 -0.20
CA VAL A 254 -11.55 8.85 -0.73
C VAL A 254 -11.19 9.63 -2.00
N LEU A 255 -11.57 9.05 -3.15
CA LEU A 255 -11.31 9.67 -4.43
C LEU A 255 -12.62 10.32 -4.87
N GLU A 256 -12.55 11.40 -5.61
CA GLU A 256 -13.76 12.04 -6.07
C GLU A 256 -13.57 13.03 -7.20
N GLU A 257 -14.63 13.16 -7.98
CA GLU A 257 -14.68 14.04 -9.14
C GLU A 257 -14.48 15.52 -8.70
N TYR A 258 -13.64 16.25 -9.41
CA TYR A 258 -13.32 17.65 -9.11
C TYR A 258 -14.51 18.59 -8.76
N GLU A 259 -15.48 18.71 -9.65
CA GLU A 259 -16.65 19.56 -9.41
C GLU A 259 -17.52 19.10 -8.28
N HIS A 260 -17.67 17.78 -8.13
CA HIS A 260 -18.49 17.24 -7.04
C HIS A 260 -17.82 17.60 -5.70
N ALA A 261 -16.50 17.75 -5.74
CA ALA A 261 -15.73 18.09 -4.55
C ALA A 261 -15.91 19.58 -4.23
N LYS A 262 -15.59 20.44 -5.21
CA LYS A 262 -15.75 21.89 -5.07
C LYS A 262 -17.18 22.21 -4.61
N LYS A 263 -18.16 21.78 -5.38
CA LYS A 263 -19.57 22.02 -5.07
C LYS A 263 -19.87 21.76 -3.60
N ARG A 264 -19.07 20.92 -2.95
CA ARG A 264 -19.30 20.61 -1.56
C ARG A 264 -18.32 21.27 -0.61
N GLY A 265 -17.29 21.89 -1.18
CA GLY A 265 -16.24 22.53 -0.37
C GLY A 265 -15.63 21.52 0.62
N ALA A 266 -14.78 20.64 0.12
CA ALA A 266 -14.15 19.62 0.96
C ALA A 266 -12.64 19.81 0.88
N LYS A 267 -11.87 19.34 1.87
CA LYS A 267 -10.42 19.50 1.77
C LYS A 267 -10.08 18.72 0.51
N ILE A 268 -9.01 19.14 -0.15
CA ILE A 268 -8.55 18.49 -1.35
C ILE A 268 -7.05 18.40 -1.16
N TYR A 269 -6.61 17.20 -0.77
CA TYR A 269 -5.21 16.88 -0.51
C TYR A 269 -4.41 16.95 -1.79
N ALA A 270 -4.93 16.42 -2.88
CA ALA A 270 -4.21 16.46 -4.15
C ALA A 270 -5.06 15.89 -5.27
N GLU A 271 -4.46 15.82 -6.44
CA GLU A 271 -5.11 15.34 -7.63
C GLU A 271 -4.41 14.13 -8.24
N LEU A 272 -5.19 13.09 -8.55
CA LEU A 272 -4.70 11.87 -9.20
C LEU A 272 -4.72 12.15 -10.71
N VAL A 273 -3.54 12.19 -11.33
CA VAL A 273 -3.46 12.55 -12.74
C VAL A 273 -2.96 11.51 -13.76
N GLY A 274 -2.23 10.51 -13.30
CA GLY A 274 -1.71 9.47 -14.17
C GLY A 274 -1.83 8.11 -13.45
N PHE A 275 -1.87 7.05 -14.25
CA PHE A 275 -1.97 5.67 -13.79
C PHE A 275 -1.53 4.81 -14.98
N GLY A 276 -0.52 3.98 -14.75
CA GLY A 276 0.04 3.12 -15.76
C GLY A 276 0.20 1.72 -15.18
N MET A 277 0.01 0.73 -16.06
CA MET A 277 0.09 -0.71 -15.74
C MET A 277 0.96 -1.37 -16.79
N SER A 278 1.62 -2.43 -16.38
CA SER A 278 2.47 -3.20 -17.28
C SER A 278 2.56 -4.61 -16.70
N SER A 279 3.29 -5.48 -17.40
CA SER A 279 3.54 -6.85 -16.96
C SER A 279 4.97 -7.14 -17.38
N ASP A 280 5.73 -7.81 -16.53
CA ASP A 280 7.11 -8.20 -16.81
C ASP A 280 7.16 -9.27 -17.88
N ALA A 281 6.41 -10.35 -17.68
CA ALA A 281 6.36 -11.50 -18.59
C ALA A 281 7.72 -12.17 -18.61
N TYR A 282 8.28 -12.31 -17.41
CA TYR A 282 9.61 -12.86 -17.20
C TYR A 282 9.64 -14.10 -16.30
N HIS A 283 9.33 -13.91 -15.03
CA HIS A 283 9.33 -14.98 -14.04
C HIS A 283 8.22 -14.75 -13.00
N MET A 284 7.74 -15.83 -12.40
CA MET A 284 6.67 -15.75 -11.41
C MET A 284 7.01 -14.92 -10.15
N THR A 285 8.28 -14.78 -9.86
CA THR A 285 8.65 -14.02 -8.66
C THR A 285 9.71 -12.96 -8.90
N SER A 286 10.76 -13.37 -9.61
CA SER A 286 11.88 -12.47 -9.90
C SER A 286 11.52 -11.45 -10.97
N PRO A 287 12.09 -10.26 -10.83
CA PRO A 287 11.86 -9.22 -11.81
C PRO A 287 13.04 -9.35 -12.76
N PRO A 288 12.91 -8.81 -13.96
CA PRO A 288 14.03 -8.88 -14.91
C PRO A 288 15.15 -7.99 -14.38
N GLU A 289 16.41 -8.45 -14.48
CA GLU A 289 17.56 -7.66 -14.00
C GLU A 289 17.46 -6.32 -14.71
N ASN A 290 16.86 -6.44 -15.88
CA ASN A 290 16.54 -5.38 -16.81
C ASN A 290 15.73 -4.23 -16.16
N GLY A 291 14.56 -4.54 -15.57
CA GLY A 291 13.68 -3.55 -14.95
C GLY A 291 12.73 -3.05 -16.01
N ALA A 292 12.65 -3.79 -17.11
CA ALA A 292 11.79 -3.46 -18.25
C ALA A 292 10.32 -3.28 -17.91
N GLY A 293 9.82 -4.16 -17.04
CA GLY A 293 8.42 -4.10 -16.60
C GLY A 293 8.08 -2.79 -15.92
N ALA A 294 8.88 -2.47 -14.88
CA ALA A 294 8.73 -1.23 -14.12
C ALA A 294 8.81 0.02 -15.03
N ALA A 295 9.77 0.05 -15.97
CA ALA A 295 9.91 1.19 -16.88
C ALA A 295 8.61 1.45 -17.60
N LEU A 296 8.10 0.39 -18.19
CA LEU A 296 6.89 0.52 -18.95
C LEU A 296 5.79 1.15 -18.12
N ALA A 297 5.64 0.66 -16.88
CA ALA A 297 4.57 1.14 -15.99
C ALA A 297 4.75 2.59 -15.60
N MET A 298 5.98 3.00 -15.30
CA MET A 298 6.22 4.40 -14.97
C MET A 298 5.96 5.24 -16.23
N ALA A 299 6.50 4.77 -17.35
CA ALA A 299 6.30 5.43 -18.64
C ALA A 299 4.84 5.61 -19.02
N ASN A 300 4.00 4.59 -18.79
CA ASN A 300 2.58 4.74 -19.14
C ASN A 300 1.85 5.72 -18.26
N ALA A 301 2.28 5.82 -17.00
CA ALA A 301 1.64 6.76 -16.04
C ALA A 301 1.96 8.20 -16.46
N LEU A 302 3.20 8.42 -16.92
CA LEU A 302 3.63 9.75 -17.39
C LEU A 302 2.79 10.11 -18.59
N ARG A 303 2.81 9.23 -19.57
CA ARG A 303 2.03 9.44 -20.80
C ARG A 303 0.59 9.68 -20.47
N ASP A 304 0.09 8.98 -19.44
CA ASP A 304 -1.30 9.13 -18.99
C ASP A 304 -1.56 10.49 -18.34
N ALA A 305 -0.60 10.96 -17.54
CA ALA A 305 -0.72 12.27 -16.88
C ALA A 305 -0.50 13.37 -17.93
N GLY A 306 0.37 13.07 -18.92
CA GLY A 306 0.69 13.99 -19.99
C GLY A 306 1.82 14.92 -19.56
N ILE A 307 2.80 14.35 -18.85
CA ILE A 307 3.94 15.11 -18.36
C ILE A 307 5.19 14.33 -18.67
N GLU A 308 6.35 14.89 -18.34
CA GLU A 308 7.63 14.23 -18.60
C GLU A 308 8.30 13.81 -17.29
N ALA A 309 9.21 12.85 -17.39
CA ALA A 309 9.90 12.31 -16.23
C ALA A 309 10.62 13.35 -15.36
N SER A 310 10.99 14.47 -15.98
CA SER A 310 11.70 15.58 -15.31
C SER A 310 10.79 16.39 -14.35
N GLN A 311 9.49 16.36 -14.61
CA GLN A 311 8.54 17.08 -13.79
C GLN A 311 8.19 16.38 -12.47
N ILE A 312 8.88 15.30 -12.16
CA ILE A 312 8.58 14.55 -10.92
C ILE A 312 9.62 14.73 -9.84
N GLY A 313 9.16 15.28 -8.70
CA GLY A 313 10.03 15.54 -7.57
C GLY A 313 10.37 14.35 -6.69
N TYR A 314 9.40 13.48 -6.45
CA TYR A 314 9.56 12.30 -5.59
C TYR A 314 8.91 11.01 -6.16
N VAL A 315 9.62 9.91 -6.02
CA VAL A 315 9.17 8.62 -6.43
C VAL A 315 9.20 7.77 -5.19
N ASN A 316 8.04 7.27 -4.78
CA ASN A 316 7.99 6.34 -3.66
C ASN A 316 8.17 4.97 -4.30
N ALA A 317 9.39 4.47 -4.21
CA ALA A 317 9.79 3.20 -4.79
C ALA A 317 9.02 1.98 -4.29
N HIS A 318 9.15 0.87 -5.04
CA HIS A 318 8.56 -0.38 -4.58
C HIS A 318 9.54 -0.75 -3.50
N GLY A 319 10.84 -0.68 -3.85
CA GLY A 319 12.01 -0.93 -2.96
C GLY A 319 11.74 -1.85 -1.76
N THR A 320 11.67 -3.15 -2.01
CA THR A 320 11.38 -4.11 -0.94
C THR A 320 12.52 -4.63 -0.10
N SER A 321 13.76 -4.35 -0.51
CA SER A 321 14.98 -4.80 0.19
C SER A 321 15.41 -6.19 -0.22
N THR A 322 15.22 -6.45 -1.51
CA THR A 322 15.60 -7.72 -2.15
C THR A 322 16.74 -7.38 -3.10
N PRO A 323 17.74 -8.24 -3.10
CA PRO A 323 18.92 -8.04 -3.97
C PRO A 323 18.50 -7.78 -5.40
N ALA A 324 17.88 -8.78 -6.02
CA ALA A 324 17.46 -8.61 -7.40
C ALA A 324 16.41 -7.55 -7.61
N GLY A 325 15.55 -7.39 -6.60
CA GLY A 325 14.44 -6.44 -6.68
C GLY A 325 14.81 -4.97 -6.68
N ASP A 326 15.66 -4.59 -5.74
CA ASP A 326 16.06 -3.18 -5.66
C ASP A 326 16.86 -2.79 -6.88
N LYS A 327 17.68 -3.71 -7.38
CA LYS A 327 18.48 -3.46 -8.60
C LYS A 327 17.61 -3.28 -9.85
N ALA A 328 16.59 -4.11 -10.00
CA ALA A 328 15.71 -3.95 -11.16
C ALA A 328 15.11 -2.57 -11.12
N GLU A 329 14.55 -2.21 -9.95
CA GLU A 329 13.88 -0.91 -9.78
C GLU A 329 14.79 0.29 -10.07
N ALA A 330 16.02 0.28 -9.56
CA ALA A 330 16.97 1.38 -9.83
C ALA A 330 17.21 1.47 -11.34
N GLN A 331 17.54 0.33 -11.95
CA GLN A 331 17.75 0.26 -13.38
C GLN A 331 16.61 0.92 -14.16
N ALA A 332 15.38 0.67 -13.74
CA ALA A 332 14.20 1.22 -14.41
C ALA A 332 14.04 2.72 -14.19
N VAL A 333 14.49 3.17 -13.02
CA VAL A 333 14.41 4.60 -12.70
C VAL A 333 15.41 5.39 -13.57
N LYS A 334 16.60 4.81 -13.73
CA LYS A 334 17.66 5.38 -14.55
C LYS A 334 17.17 5.39 -16.00
N THR A 335 16.51 4.29 -16.38
CA THR A 335 15.99 4.12 -17.73
C THR A 335 14.92 5.12 -18.13
N ILE A 336 14.03 5.45 -17.20
CA ILE A 336 12.92 6.37 -17.50
C ILE A 336 13.26 7.84 -17.27
N PHE A 337 14.28 8.08 -16.45
CA PHE A 337 14.69 9.44 -16.13
C PHE A 337 15.90 9.96 -16.91
N GLY A 338 16.85 9.07 -17.18
CA GLY A 338 18.08 9.39 -17.90
C GLY A 338 18.95 10.42 -17.16
N GLU A 339 18.90 11.67 -17.61
CA GLU A 339 19.66 12.78 -17.03
C GLU A 339 19.19 13.05 -15.61
N ALA A 340 17.87 13.18 -15.46
CA ALA A 340 17.23 13.43 -14.18
C ALA A 340 17.55 12.38 -13.10
N ALA A 341 18.31 11.36 -13.48
CA ALA A 341 18.72 10.27 -12.57
C ALA A 341 18.94 10.66 -11.09
N SER A 342 19.81 11.64 -10.85
CA SER A 342 20.07 12.09 -9.48
C SER A 342 19.25 13.33 -9.08
N ARG A 343 18.73 14.05 -10.07
CA ARG A 343 17.92 15.25 -9.82
C ARG A 343 16.57 14.90 -9.18
N VAL A 344 16.17 13.63 -9.27
CA VAL A 344 14.89 13.21 -8.68
C VAL A 344 15.08 12.51 -7.35
N LEU A 345 14.09 12.67 -6.49
CA LEU A 345 14.11 12.05 -5.18
C LEU A 345 13.35 10.70 -5.24
N VAL A 346 14.00 9.65 -4.80
CA VAL A 346 13.43 8.33 -4.77
C VAL A 346 13.69 7.73 -3.40
N SER A 347 12.65 7.27 -2.72
CA SER A 347 12.84 6.66 -1.40
C SER A 347 11.84 5.53 -1.18
N SER A 348 12.18 4.64 -0.25
CA SER A 348 11.31 3.53 0.06
C SER A 348 10.95 3.62 1.54
N THR A 349 9.68 3.90 1.83
CA THR A 349 9.22 3.95 3.22
C THR A 349 9.15 2.52 3.75
N LYS A 350 9.39 1.53 2.86
CA LYS A 350 9.39 0.12 3.26
C LYS A 350 10.55 -0.14 4.23
N SER A 351 11.51 0.80 4.24
CA SER A 351 12.66 0.75 5.17
C SER A 351 12.24 0.87 6.65
N MET A 352 11.15 1.59 6.89
CA MET A 352 10.67 1.73 8.27
C MET A 352 9.42 0.91 8.47
N THR A 353 8.66 0.78 7.40
CA THR A 353 7.35 0.12 7.45
C THR A 353 7.24 -1.37 7.10
N GLY A 354 8.17 -1.85 6.28
CA GLY A 354 8.14 -3.24 5.84
C GLY A 354 7.25 -3.25 4.61
N HIS A 355 7.00 -4.45 4.06
CA HIS A 355 6.16 -4.63 2.87
C HIS A 355 4.71 -4.93 3.25
N LEU A 356 3.79 -4.00 3.01
CA LEU A 356 2.36 -4.23 3.36
C LEU A 356 1.56 -5.02 2.32
N LEU A 357 2.27 -5.68 1.40
CA LEU A 357 1.64 -6.46 0.32
C LEU A 357 0.47 -5.75 -0.36
N GLY A 358 -0.75 -6.24 -0.12
CA GLY A 358 -1.93 -5.65 -0.74
C GLY A 358 -2.21 -4.20 -0.29
N ALA A 359 -1.74 -3.81 0.89
CA ALA A 359 -1.94 -2.44 1.37
C ALA A 359 -0.76 -1.49 1.05
N ALA A 360 0.38 -2.06 0.68
CA ALA A 360 1.57 -1.30 0.36
C ALA A 360 1.36 -0.11 -0.58
N GLY A 361 0.69 -0.33 -1.71
CA GLY A 361 0.45 0.74 -2.66
C GLY A 361 -0.55 1.76 -2.15
N ALA A 362 -1.37 1.34 -1.17
CA ALA A 362 -2.39 2.24 -0.57
C ALA A 362 -1.70 3.24 0.36
N VAL A 363 -0.96 2.72 1.37
CA VAL A 363 -0.26 3.57 2.33
C VAL A 363 0.71 4.46 1.59
N GLU A 364 1.42 3.90 0.61
CA GLU A 364 2.42 4.66 -0.16
C GLU A 364 1.87 5.74 -1.10
N SER A 365 0.58 5.63 -1.45
CA SER A 365 -0.02 6.63 -2.31
C SER A 365 -0.27 7.77 -1.36
N ILE A 366 -0.65 7.43 -0.13
CA ILE A 366 -0.90 8.41 0.91
C ILE A 366 0.41 9.18 1.22
N TYR A 367 1.54 8.49 1.36
CA TYR A 367 2.83 9.19 1.60
C TYR A 367 3.15 10.10 0.41
N SER A 368 2.91 9.57 -0.78
CA SER A 368 3.14 10.34 -2.00
C SER A 368 2.32 11.61 -2.02
N ILE A 369 1.11 11.53 -1.45
CA ILE A 369 0.19 12.66 -1.39
C ILE A 369 0.65 13.63 -0.30
N LEU A 370 0.88 13.12 0.91
CA LEU A 370 1.31 13.93 2.02
C LEU A 370 2.62 14.65 1.74
N ALA A 371 3.50 14.00 1.00
CA ALA A 371 4.78 14.60 0.63
C ALA A 371 4.56 15.91 -0.12
N LEU A 372 3.57 15.92 -1.00
CA LEU A 372 3.18 17.10 -1.78
C LEU A 372 2.64 18.20 -0.83
N ARG A 373 1.74 17.83 0.09
CA ARG A 373 1.18 18.79 1.03
C ARG A 373 2.30 19.48 1.81
N ASP A 374 3.13 18.67 2.45
CA ASP A 374 4.19 19.13 3.32
C ASP A 374 5.53 19.47 2.64
N GLN A 375 5.64 19.26 1.35
CA GLN A 375 6.93 19.51 0.68
C GLN A 375 8.13 18.88 1.37
N ALA A 376 7.85 17.80 2.08
CA ALA A 376 8.83 16.97 2.80
C ALA A 376 8.76 15.54 2.24
N VAL A 377 9.91 14.92 2.12
CA VAL A 377 10.05 13.58 1.58
C VAL A 377 10.69 12.67 2.62
N PRO A 378 10.05 11.51 2.90
CA PRO A 378 10.52 10.55 3.92
C PRO A 378 11.78 9.80 3.44
N PRO A 379 12.64 9.43 4.38
CA PRO A 379 13.90 8.78 4.01
C PRO A 379 13.86 7.27 3.82
N THR A 380 14.90 6.77 3.16
CA THR A 380 15.11 5.35 3.05
C THR A 380 16.09 5.09 4.21
N ILE A 381 15.60 4.67 5.36
CA ILE A 381 16.49 4.45 6.47
C ILE A 381 17.33 3.19 6.26
N ASN A 382 18.34 2.94 7.09
CA ASN A 382 19.20 1.76 6.97
C ASN A 382 20.12 1.66 5.73
N LEU A 383 20.13 2.72 4.94
CA LEU A 383 20.93 2.75 3.72
C LEU A 383 22.39 3.11 4.07
N ASP A 384 23.03 2.24 4.83
CA ASP A 384 24.40 2.43 5.28
C ASP A 384 25.43 2.44 4.16
N ASN A 385 25.41 1.42 3.30
CA ASN A 385 26.34 1.30 2.17
C ASN A 385 25.66 0.95 0.85
N PRO A 386 25.35 1.95 0.05
CA PRO A 386 24.69 1.73 -1.22
C PRO A 386 25.30 0.63 -2.08
N ASP A 387 24.68 0.41 -3.24
CA ASP A 387 25.09 -0.62 -4.17
C ASP A 387 26.15 -0.14 -5.15
N GLU A 388 26.64 -1.11 -5.93
CA GLU A 388 27.67 -0.90 -6.94
C GLU A 388 27.70 0.46 -7.64
N GLY A 389 26.99 0.57 -8.77
CA GLY A 389 26.99 1.81 -9.55
C GLY A 389 25.73 2.66 -9.55
N CYS A 390 25.05 2.69 -8.40
CA CYS A 390 23.83 3.49 -8.23
C CYS A 390 24.20 4.96 -8.28
N ASP A 391 23.51 5.71 -9.13
CA ASP A 391 23.74 7.15 -9.32
C ASP A 391 22.56 7.93 -8.71
N LEU A 392 21.58 7.20 -8.21
CA LEU A 392 20.37 7.80 -7.67
C LEU A 392 20.38 8.34 -6.23
N ASP A 393 19.54 9.35 -6.00
CA ASP A 393 19.38 9.97 -4.68
C ASP A 393 18.22 9.28 -3.95
N PHE A 394 18.54 8.31 -3.11
CA PHE A 394 17.54 7.54 -2.37
C PHE A 394 17.14 8.12 -1.03
N VAL A 395 17.30 9.43 -0.87
CA VAL A 395 17.02 10.15 0.38
C VAL A 395 17.50 9.33 1.59
N PRO A 396 18.80 8.95 1.54
CA PRO A 396 19.50 8.09 2.51
C PRO A 396 19.32 7.89 4.02
N HIS A 397 18.94 8.88 4.81
CA HIS A 397 18.80 8.59 6.27
C HIS A 397 17.82 9.49 7.02
N GLU A 398 17.64 10.69 6.46
CA GLU A 398 16.82 11.74 7.08
C GLU A 398 15.90 12.24 5.99
N ALA A 399 14.81 12.83 6.43
CA ALA A 399 13.81 13.37 5.54
C ALA A 399 14.38 14.62 4.88
N ARG A 400 14.14 14.73 3.58
CA ARG A 400 14.58 15.84 2.77
C ARG A 400 13.46 16.84 2.62
N GLN A 401 13.81 18.12 2.58
CA GLN A 401 12.81 19.17 2.42
C GLN A 401 12.86 19.57 0.97
N VAL A 402 11.72 19.89 0.39
CA VAL A 402 11.70 20.24 -1.03
C VAL A 402 11.01 21.57 -1.30
N SER A 403 11.34 22.18 -2.42
CA SER A 403 10.75 23.47 -2.72
C SER A 403 9.57 23.54 -3.66
N GLY A 404 9.78 23.15 -4.92
CA GLY A 404 8.69 23.24 -5.89
C GLY A 404 8.28 21.92 -6.52
N MET A 405 7.94 20.96 -5.66
CA MET A 405 7.50 19.65 -6.15
C MET A 405 6.03 19.78 -6.46
N GLU A 406 5.64 19.38 -7.68
CA GLU A 406 4.23 19.45 -8.09
C GLU A 406 3.59 18.07 -8.37
N TYR A 407 4.44 17.12 -8.74
CA TYR A 407 4.01 15.77 -9.03
C TYR A 407 4.84 14.77 -8.24
N THR A 408 4.20 13.70 -7.81
CA THR A 408 4.89 12.62 -7.15
C THR A 408 4.44 11.31 -7.83
N LEU A 409 5.35 10.35 -7.90
CA LEU A 409 5.06 9.07 -8.54
C LEU A 409 5.14 7.93 -7.51
N CYS A 410 4.16 7.02 -7.52
CA CYS A 410 4.14 5.89 -6.60
C CYS A 410 4.20 4.58 -7.36
N ASN A 411 5.16 3.74 -6.97
CA ASN A 411 5.42 2.47 -7.63
C ASN A 411 5.18 1.20 -6.81
N SER A 412 4.59 0.22 -7.47
CA SER A 412 4.37 -1.13 -6.91
C SER A 412 4.68 -2.11 -8.05
N PHE A 413 5.60 -3.01 -7.83
CA PHE A 413 6.02 -4.03 -8.80
C PHE A 413 5.91 -5.39 -8.08
N GLY A 414 4.79 -6.08 -8.27
CA GLY A 414 4.51 -7.31 -7.54
C GLY A 414 4.70 -8.66 -8.20
N PHE A 415 4.46 -9.70 -7.40
CA PHE A 415 4.56 -11.11 -7.79
C PHE A 415 3.67 -11.37 -8.99
N GLY A 416 4.19 -12.13 -9.95
CA GLY A 416 3.48 -12.39 -11.22
C GLY A 416 3.86 -11.29 -12.26
N GLY A 417 4.86 -10.49 -11.95
CA GLY A 417 5.29 -9.42 -12.86
C GLY A 417 4.22 -8.36 -13.12
N THR A 418 3.33 -8.15 -12.18
CA THR A 418 2.30 -7.15 -12.39
C THR A 418 2.73 -5.83 -11.76
N ASN A 419 2.81 -4.77 -12.56
CA ASN A 419 3.32 -3.49 -12.09
C ASN A 419 2.34 -2.36 -12.29
N GLY A 420 2.41 -1.35 -11.46
CA GLY A 420 1.52 -0.20 -11.61
C GLY A 420 2.26 1.04 -11.08
N SER A 421 1.75 2.20 -11.45
CA SER A 421 2.34 3.43 -11.04
C SER A 421 1.24 4.48 -10.97
N LEU A 422 1.21 5.27 -9.90
CA LEU A 422 0.25 6.37 -9.79
C LEU A 422 1.04 7.69 -9.77
N ILE A 423 0.46 8.74 -10.34
CA ILE A 423 1.09 10.06 -10.35
C ILE A 423 0.07 11.02 -9.73
N PHE A 424 0.53 11.72 -8.68
CA PHE A 424 -0.33 12.66 -7.98
C PHE A 424 0.18 14.06 -8.25
N LYS A 425 -0.73 15.02 -8.28
CA LYS A 425 -0.37 16.39 -8.61
C LYS A 425 -0.83 17.30 -7.49
N LYS A 426 -0.02 18.33 -7.22
CA LYS A 426 -0.30 19.29 -6.16
C LYS A 426 -1.58 20.12 -6.32
N ILE A 427 -2.34 20.22 -5.23
CA ILE A 427 -3.57 21.00 -5.21
C ILE A 427 -4.54 20.55 -6.29
#